data_2Q8I
#
_entry.id   2Q8I
#
_cell.length_a   120.872
_cell.length_b   120.872
_cell.length_c   239.637
_cell.angle_alpha   90.00
_cell.angle_beta   90.00
_cell.angle_gamma   120.00
#
_symmetry.space_group_name_H-M   'P 65 2 2'
#
loop_
_entity.id
_entity.type
_entity.pdbx_description
1 polymer '[Pyruvate dehydrogenase [lipoamide]] kinase isozyme 3'
2 polymer 'Dihydrolipoyllysine-residue acetyltransferase component of pyruvate dehydrogenase complex'
3 non-polymer 'POTASSIUM ION'
4 non-polymer RADICICOL
5 non-polymer GLYCEROL
6 non-polymer 'DIHYDROLIPOIC ACID'
7 water water
#
loop_
_entity_poly.entity_id
_entity_poly.type
_entity_poly.pdbx_seq_one_letter_code
_entity_poly.pdbx_strand_id
1 'polypeptide(L)'
;GGSHHHHHHGMARLENLYFQGKQPVPKQIERYSRFSPSPLSIKQFLDFGRDNACEKTSYMFLRKELPVRLANTMREVNLL
PDNLLNRPSVGLVQSWYMQSFLELLEYENKSPEDPQVLDNFLQVLIKVRNRHNDVVPTMAQGVIEYKEKFGFDPFISTNI
QYFLDRFYTNRISFRMLINQHTLLFGGDTNPVHPKHIGSIDPTCNVADVVKDAYETAKMLCEQYYLVAPELEVEEFNAKA
PDKPIQVVYVPSHLFHMLFELFKNSMRATVELYEDRKEGYPAVKTLVTLGKEDLSIKISDLGGGVPLRKIDRLFNYMYST
APRPSLEPTRAAPLAGFGYGLPISRLYARYFQGDLKLYSMEGVGTDAVIYLKALSSESFERLPVFNKSAWRHYKTTPEAD
DWSNPSSEPRDASKYKAKQ
;
A
2 'polypeptide(L)'
;GGSHHHHHHGMARLENLYFQGSSYPPHMQVLLPALSPTMTMGTVQRWEKKVGEKLSEGDLLAEIETDKATIGFEVQEEGY
LAKILVPEGTRDVPLGTPLCIIVEKEADISAFADYRPTEVTDLKPQVP
;
B
#
# COMPACT_ATOMS: atom_id res chain seq x y z
N PRO A 26 2.26 -16.20 18.96
CA PRO A 26 2.60 -14.82 18.62
C PRO A 26 3.93 -14.26 19.02
N LYS A 27 4.85 -15.09 19.54
CA LYS A 27 6.26 -14.69 19.67
C LYS A 27 6.83 -14.62 18.25
N GLN A 28 6.47 -15.61 17.43
CA GLN A 28 6.86 -15.62 16.01
C GLN A 28 6.26 -14.46 15.24
N ILE A 29 5.10 -13.96 15.66
CA ILE A 29 4.45 -12.85 14.92
C ILE A 29 5.10 -11.55 15.27
N GLU A 30 5.29 -11.32 16.56
CA GLU A 30 6.15 -10.22 16.97
C GLU A 30 7.43 -10.14 16.13
N ARG A 31 8.23 -11.23 16.13
CA ARG A 31 9.47 -11.24 15.37
C ARG A 31 9.25 -10.87 13.92
N TYR A 32 8.35 -11.57 13.22
CA TYR A 32 8.35 -11.35 11.77
C TYR A 32 7.77 -9.92 11.50
N SER A 33 6.98 -9.39 12.46
CA SER A 33 6.42 -8.06 12.32
C SER A 33 7.48 -6.97 12.52
N ARG A 34 8.65 -7.29 13.08
CA ARG A 34 9.77 -6.34 13.24
C ARG A 34 10.66 -6.36 12.01
N PHE A 35 10.48 -7.35 11.14
CA PHE A 35 11.20 -7.39 9.88
C PHE A 35 10.62 -6.33 8.97
N SER A 36 11.42 -5.78 8.06
CA SER A 36 10.91 -4.81 7.10
C SER A 36 10.53 -5.52 5.79
N PRO A 37 9.40 -5.18 5.20
CA PRO A 37 9.01 -5.74 3.89
C PRO A 37 10.02 -5.39 2.77
N SER A 38 10.04 -6.17 1.72
CA SER A 38 11.00 -5.94 0.69
C SER A 38 10.23 -5.52 -0.58
N PRO A 39 10.12 -4.22 -0.85
CA PRO A 39 9.33 -3.80 -1.98
C PRO A 39 10.02 -4.06 -3.30
N LEU A 40 9.29 -4.68 -4.22
CA LEU A 40 9.73 -4.97 -5.56
C LEU A 40 9.22 -4.01 -6.61
N SER A 41 9.93 -3.94 -7.73
CA SER A 41 9.52 -3.07 -8.83
C SER A 41 8.97 -3.86 -9.99
N ILE A 42 8.08 -3.24 -10.75
CA ILE A 42 7.58 -3.88 -11.95
C ILE A 42 8.76 -4.36 -12.77
N LYS A 43 9.82 -3.56 -12.84
CA LYS A 43 11.01 -3.98 -13.57
C LYS A 43 11.55 -5.31 -13.03
N GLN A 44 11.69 -5.40 -11.71
CA GLN A 44 12.18 -6.65 -11.11
C GLN A 44 11.29 -7.84 -11.43
N PHE A 45 9.97 -7.66 -11.28
CA PHE A 45 9.04 -8.73 -11.56
C PHE A 45 9.21 -9.17 -13.00
N LEU A 46 9.32 -8.20 -13.89
CA LEU A 46 9.44 -8.45 -15.32
C LEU A 46 10.78 -9.07 -15.65
N ASP A 47 11.87 -8.50 -15.12
CA ASP A 47 13.23 -9.04 -15.37
C ASP A 47 13.30 -10.47 -14.88
N PHE A 48 12.78 -10.71 -13.69
CA PHE A 48 12.76 -12.04 -13.15
C PHE A 48 12.06 -13.06 -14.04
N GLY A 49 10.79 -12.82 -14.36
CA GLY A 49 9.99 -13.79 -15.10
C GLY A 49 10.39 -13.97 -16.55
N ARG A 50 11.02 -12.93 -17.11
CA ARG A 50 11.40 -12.96 -18.52
C ARG A 50 12.77 -13.62 -18.72
N ASP A 51 13.75 -13.21 -17.91
CA ASP A 51 15.18 -13.59 -18.09
C ASP A 51 15.68 -14.66 -17.12
N ASN A 52 15.31 -14.52 -15.84
CA ASN A 52 15.66 -15.49 -14.80
C ASN A 52 14.64 -16.65 -14.81
N ALA A 53 13.52 -16.46 -14.09
CA ALA A 53 12.43 -17.45 -14.03
C ALA A 53 12.99 -18.74 -13.41
N CYS A 54 13.46 -18.60 -12.17
CA CYS A 54 13.92 -19.71 -11.40
C CYS A 54 12.97 -19.90 -10.26
N GLU A 55 12.34 -21.06 -10.22
CA GLU A 55 11.35 -21.35 -9.20
C GLU A 55 12.00 -21.32 -7.83
N LYS A 56 13.21 -21.85 -7.72
CA LYS A 56 13.95 -21.82 -6.46
C LYS A 56 13.93 -20.40 -5.91
N THR A 57 14.46 -19.47 -6.72
CA THR A 57 14.66 -18.09 -6.27
C THR A 57 13.35 -17.51 -5.74
N SER A 58 12.28 -17.79 -6.45
CA SER A 58 10.99 -17.26 -6.11
C SER A 58 10.49 -17.87 -4.82
N TYR A 59 10.66 -19.17 -4.67
CA TYR A 59 10.35 -19.86 -3.41
C TYR A 59 11.12 -19.28 -2.21
N MET A 60 12.45 -19.15 -2.33
CA MET A 60 13.30 -18.62 -1.24
C MET A 60 12.84 -17.25 -0.82
N PHE A 61 12.60 -16.39 -1.82
CA PHE A 61 12.05 -15.08 -1.58
C PHE A 61 10.68 -15.17 -0.90
N LEU A 62 9.73 -15.87 -1.52
CA LEU A 62 8.36 -15.80 -1.03
C LEU A 62 8.13 -16.43 0.35
N ARG A 63 8.84 -17.52 0.66
CA ARG A 63 8.60 -18.28 1.90
C ARG A 63 8.90 -17.42 3.11
N LYS A 64 9.71 -16.37 2.89
CA LYS A 64 10.07 -15.42 3.94
C LYS A 64 9.27 -14.15 3.80
N GLU A 65 9.03 -13.67 2.59
CA GLU A 65 8.43 -12.37 2.43
C GLU A 65 6.95 -12.37 2.83
N LEU A 66 6.26 -13.43 2.44
CA LEU A 66 4.83 -13.50 2.70
C LEU A 66 4.60 -13.46 4.20
N PRO A 67 5.30 -14.32 4.99
CA PRO A 67 5.12 -14.20 6.45
C PRO A 67 5.51 -12.82 7.01
N VAL A 68 6.51 -12.16 6.42
CA VAL A 68 6.81 -10.81 6.83
C VAL A 68 5.61 -9.93 6.68
N ARG A 69 4.98 -10.00 5.50
CA ARG A 69 3.89 -9.10 5.18
C ARG A 69 2.68 -9.38 6.04
N LEU A 70 2.33 -10.66 6.17
CA LEU A 70 1.20 -11.02 7.04
C LEU A 70 1.42 -10.52 8.46
N ALA A 71 2.63 -10.72 8.97
CA ALA A 71 2.93 -10.35 10.34
C ALA A 71 2.87 -8.86 10.59
N ASN A 72 3.39 -8.07 9.63
CA ASN A 72 3.24 -6.60 9.70
C ASN A 72 1.79 -6.15 9.82
N THR A 73 0.94 -6.76 9.00
CA THR A 73 -0.46 -6.44 9.06
C THR A 73 -1.07 -6.89 10.38
N MET A 74 -0.84 -8.14 10.81
CA MET A 74 -1.53 -8.68 12.00
C MET A 74 -1.23 -7.89 13.24
N ARG A 75 -0.01 -7.37 13.29
CA ARG A 75 0.41 -6.56 14.38
C ARG A 75 -0.48 -5.32 14.42
N GLU A 76 -0.85 -4.80 13.26
CA GLU A 76 -1.71 -3.59 13.19
C GLU A 76 -3.14 -3.91 13.52
N VAL A 77 -3.67 -5.04 13.05
CA VAL A 77 -5.03 -5.39 13.45
C VAL A 77 -5.20 -5.51 14.94
N ASN A 78 -4.17 -5.99 15.63
CA ASN A 78 -4.18 -6.00 17.09
C ASN A 78 -4.25 -4.63 17.76
N LEU A 79 -3.83 -3.59 17.06
CA LEU A 79 -3.84 -2.24 17.61
C LEU A 79 -5.20 -1.53 17.49
N LEU A 80 -6.16 -2.19 16.82
CA LEU A 80 -7.49 -1.63 16.58
C LEU A 80 -8.28 -1.34 17.84
N PRO A 81 -9.19 -0.37 17.81
CA PRO A 81 -9.99 -0.17 19.02
C PRO A 81 -10.68 -1.46 19.44
N ASP A 82 -10.86 -1.65 20.74
CA ASP A 82 -11.32 -2.93 21.28
C ASP A 82 -12.66 -3.30 20.66
N ASN A 83 -13.54 -2.32 20.55
CA ASN A 83 -14.91 -2.55 20.07
C ASN A 83 -15.01 -3.00 18.61
N LEU A 84 -13.91 -2.80 17.89
CA LEU A 84 -13.77 -3.28 16.53
C LEU A 84 -13.02 -4.60 16.51
N LEU A 85 -11.93 -4.68 17.27
CA LEU A 85 -11.18 -5.91 17.38
C LEU A 85 -12.10 -7.07 17.77
N ASN A 86 -13.10 -6.76 18.61
CA ASN A 86 -14.11 -7.70 19.14
C ASN A 86 -15.02 -8.38 18.11
N ARG A 87 -15.24 -7.74 16.98
CA ARG A 87 -16.28 -8.24 16.08
C ARG A 87 -15.88 -9.57 15.41
N PRO A 88 -16.77 -10.59 15.47
CA PRO A 88 -16.54 -11.88 14.83
C PRO A 88 -15.81 -11.78 13.48
N SER A 89 -16.24 -10.84 12.64
CA SER A 89 -15.62 -10.69 11.33
C SER A 89 -14.12 -10.40 11.46
N VAL A 90 -13.76 -9.54 12.40
CA VAL A 90 -12.36 -9.20 12.61
C VAL A 90 -11.58 -10.43 13.12
N GLY A 91 -12.15 -11.12 14.11
CA GLY A 91 -11.63 -12.41 14.60
C GLY A 91 -11.35 -13.40 13.47
N LEU A 92 -12.30 -13.60 12.57
CA LEU A 92 -12.12 -14.57 11.48
C LEU A 92 -10.94 -14.21 10.57
N VAL A 93 -10.81 -12.93 10.23
CA VAL A 93 -9.73 -12.45 9.41
C VAL A 93 -8.38 -12.75 10.10
N GLN A 94 -8.23 -12.28 11.33
CA GLN A 94 -7.10 -12.61 12.14
C GLN A 94 -6.74 -14.12 12.07
N SER A 95 -7.72 -14.95 12.39
CA SER A 95 -7.46 -16.38 12.39
C SER A 95 -7.08 -16.91 11.00
N TRP A 96 -7.63 -16.31 9.96
CA TRP A 96 -7.21 -16.69 8.60
C TRP A 96 -5.76 -16.32 8.32
N TYR A 97 -5.38 -15.13 8.75
CA TYR A 97 -4.00 -14.68 8.60
C TYR A 97 -3.03 -15.54 9.39
N MET A 98 -3.40 -15.88 10.64
CA MET A 98 -2.61 -16.79 11.47
C MET A 98 -2.46 -18.13 10.80
N GLN A 99 -3.57 -18.66 10.34
CA GLN A 99 -3.60 -19.93 9.64
C GLN A 99 -2.64 -19.87 8.45
N SER A 100 -2.63 -18.76 7.72
CA SER A 100 -1.80 -18.63 6.56
C SER A 100 -0.33 -18.51 6.90
N PHE A 101 -0.04 -17.63 7.89
CA PHE A 101 1.28 -17.44 8.43
C PHE A 101 1.90 -18.78 8.85
N LEU A 102 1.22 -19.53 9.70
CA LEU A 102 1.77 -20.76 10.19
C LEU A 102 2.05 -21.72 9.05
N GLU A 103 1.16 -21.75 8.05
CA GLU A 103 1.32 -22.68 6.92
C GLU A 103 2.54 -22.35 6.08
N LEU A 104 2.88 -21.06 6.00
CA LEU A 104 4.04 -20.64 5.22
C LEU A 104 5.34 -20.84 6.01
N LEU A 105 5.24 -20.71 7.33
CA LEU A 105 6.39 -20.98 8.18
C LEU A 105 6.86 -22.46 8.09
N GLU A 106 5.97 -23.40 7.75
CA GLU A 106 6.39 -24.79 7.57
C GLU A 106 7.59 -24.88 6.63
N TYR A 107 7.76 -23.90 5.75
CA TYR A 107 8.75 -24.00 4.69
C TYR A 107 10.11 -23.37 4.97
N GLU A 108 10.25 -22.72 6.12
CA GLU A 108 11.50 -22.03 6.48
C GLU A 108 12.76 -22.90 6.52
N ASN A 109 12.60 -24.22 6.68
CA ASN A 109 13.73 -25.13 6.73
C ASN A 109 13.64 -26.26 5.69
N LYS A 110 12.83 -26.05 4.67
CA LYS A 110 12.63 -27.08 3.65
C LYS A 110 13.35 -26.72 2.36
N SER A 111 14.34 -27.53 2.02
CA SER A 111 15.23 -27.26 0.89
C SER A 111 14.48 -27.17 -0.44
N PRO A 112 14.83 -26.15 -1.25
CA PRO A 112 14.36 -26.08 -2.64
C PRO A 112 14.96 -27.15 -3.58
N GLU A 113 16.05 -27.81 -3.17
CA GLU A 113 16.68 -28.81 -4.05
C GLU A 113 15.82 -30.07 -4.09
N ASP A 114 14.53 -29.90 -3.79
CA ASP A 114 13.58 -30.99 -3.74
C ASP A 114 12.31 -30.63 -4.53
N PRO A 115 12.14 -31.24 -5.72
CA PRO A 115 10.93 -31.07 -6.54
C PRO A 115 9.63 -30.99 -5.71
N GLN A 116 9.45 -31.93 -4.78
CA GLN A 116 8.23 -31.99 -3.95
C GLN A 116 7.97 -30.71 -3.14
N VAL A 117 9.03 -30.14 -2.58
CA VAL A 117 8.89 -28.99 -1.70
C VAL A 117 8.32 -27.83 -2.54
N LEU A 118 8.89 -27.66 -3.73
CA LEU A 118 8.43 -26.67 -4.69
C LEU A 118 7.00 -26.96 -5.12
N ASP A 119 6.70 -28.22 -5.38
CA ASP A 119 5.35 -28.59 -5.75
C ASP A 119 4.37 -28.28 -4.62
N ASN A 120 4.69 -28.74 -3.39
CA ASN A 120 3.80 -28.50 -2.25
C ASN A 120 3.67 -27.01 -1.95
N PHE A 121 4.75 -26.26 -2.11
CA PHE A 121 4.69 -24.86 -1.81
C PHE A 121 3.64 -24.17 -2.70
N LEU A 122 3.71 -24.46 -3.99
CA LEU A 122 2.71 -23.98 -4.95
C LEU A 122 1.25 -24.20 -4.47
N GLN A 123 0.90 -25.43 -4.11
CA GLN A 123 -0.45 -25.72 -3.58
C GLN A 123 -0.74 -24.92 -2.31
N VAL A 124 0.28 -24.68 -1.51
CA VAL A 124 0.10 -23.88 -0.31
C VAL A 124 -0.35 -22.47 -0.73
N LEU A 125 0.38 -21.88 -1.66
CA LEU A 125 0.02 -20.54 -2.15
C LEU A 125 -1.43 -20.47 -2.64
N ILE A 126 -1.84 -21.49 -3.37
CA ILE A 126 -3.20 -21.54 -3.90
C ILE A 126 -4.20 -21.54 -2.75
N LYS A 127 -3.96 -22.44 -1.80
CA LYS A 127 -4.81 -22.58 -0.63
C LYS A 127 -4.94 -21.27 0.16
N VAL A 128 -3.86 -20.48 0.25
CA VAL A 128 -3.99 -19.24 1.00
C VAL A 128 -4.62 -18.15 0.17
N ARG A 129 -4.35 -18.12 -1.13
CA ARG A 129 -5.09 -17.22 -2.01
C ARG A 129 -6.59 -17.45 -1.87
N ASN A 130 -7.02 -18.72 -1.99
CA ASN A 130 -8.44 -19.06 -1.79
C ASN A 130 -8.98 -18.66 -0.43
N ARG A 131 -8.19 -18.92 0.61
CA ARG A 131 -8.59 -18.58 1.98
C ARG A 131 -8.79 -17.08 2.12
N HIS A 132 -7.98 -16.30 1.40
CA HIS A 132 -8.05 -14.87 1.47
C HIS A 132 -9.05 -14.22 0.51
N ASN A 133 -9.75 -15.04 -0.26
CA ASN A 133 -10.76 -14.57 -1.21
C ASN A 133 -11.81 -13.67 -0.59
N ASP A 134 -12.39 -14.08 0.54
CA ASP A 134 -13.49 -13.34 1.13
C ASP A 134 -13.01 -12.26 2.09
N VAL A 135 -11.74 -11.88 1.97
CA VAL A 135 -11.10 -11.01 2.96
C VAL A 135 -11.55 -9.53 2.92
N VAL A 136 -11.59 -8.94 1.74
CA VAL A 136 -12.10 -7.58 1.59
C VAL A 136 -13.56 -7.47 2.16
N PRO A 137 -14.51 -8.30 1.65
CA PRO A 137 -15.87 -8.28 2.24
C PRO A 137 -15.97 -8.59 3.74
N THR A 138 -15.23 -9.57 4.26
CA THR A 138 -15.34 -9.92 5.69
C THR A 138 -14.89 -8.78 6.60
N MET A 139 -13.77 -8.15 6.26
CA MET A 139 -13.30 -6.98 7.02
C MET A 139 -14.30 -5.84 6.95
N ALA A 140 -14.71 -5.53 5.73
CA ALA A 140 -15.77 -4.55 5.53
C ALA A 140 -16.96 -4.87 6.42
N GLN A 141 -17.38 -6.13 6.48
CA GLN A 141 -18.54 -6.47 7.31
C GLN A 141 -18.22 -6.11 8.76
N GLY A 142 -16.98 -6.41 9.15
CA GLY A 142 -16.47 -6.02 10.45
C GLY A 142 -16.67 -4.57 10.79
N VAL A 143 -16.17 -3.67 9.93
CA VAL A 143 -16.29 -2.25 10.25
C VAL A 143 -17.74 -1.79 10.20
N ILE A 144 -18.56 -2.40 9.34
CA ILE A 144 -19.96 -2.03 9.27
C ILE A 144 -20.69 -2.39 10.58
N GLU A 145 -20.43 -3.59 11.10
CA GLU A 145 -20.98 -4.01 12.39
C GLU A 145 -20.59 -3.05 13.51
N TYR A 146 -19.32 -2.61 13.47
CA TYR A 146 -18.78 -1.70 14.48
C TYR A 146 -19.46 -0.32 14.45
N LYS A 147 -19.58 0.21 13.23
CA LYS A 147 -20.27 1.46 12.95
C LYS A 147 -21.74 1.44 13.40
N GLU A 148 -22.47 0.40 13.03
CA GLU A 148 -23.89 0.34 13.35
C GLU A 148 -24.18 -0.01 14.81
N LYS A 149 -23.15 -0.30 15.58
CA LYS A 149 -23.33 -0.73 16.98
C LYS A 149 -22.70 0.24 17.99
N PHE A 150 -21.64 0.94 17.61
CA PHE A 150 -21.01 1.91 18.51
C PHE A 150 -21.09 3.36 18.04
N GLY A 151 -21.33 3.53 16.75
CA GLY A 151 -21.63 4.86 16.22
C GLY A 151 -20.43 5.50 15.56
N PHE A 152 -20.73 6.52 14.76
CA PHE A 152 -19.73 7.22 13.98
C PHE A 152 -19.06 8.33 14.81
N ASP A 153 -17.79 8.12 15.13
CA ASP A 153 -16.92 9.16 15.68
C ASP A 153 -15.98 9.61 14.54
N PRO A 154 -15.79 10.94 14.38
CA PRO A 154 -14.90 11.43 13.31
C PRO A 154 -13.42 11.05 13.55
N PHE A 155 -12.91 11.27 14.76
CA PHE A 155 -11.49 10.99 14.98
C PHE A 155 -11.16 9.51 14.72
N ILE A 156 -11.89 8.62 15.37
CA ILE A 156 -11.64 7.18 15.25
C ILE A 156 -11.79 6.70 13.79
N SER A 157 -12.72 7.31 13.07
CA SER A 157 -12.83 7.09 11.65
C SER A 157 -11.48 7.23 10.90
N THR A 158 -10.62 8.16 11.34
CA THR A 158 -9.38 8.39 10.61
C THR A 158 -8.33 7.35 10.95
N ASN A 159 -8.38 6.89 12.20
CA ASN A 159 -7.69 5.67 12.58
C ASN A 159 -8.04 4.44 11.79
N ILE A 160 -9.34 4.21 11.60
CA ILE A 160 -9.78 3.04 10.85
C ILE A 160 -9.41 3.17 9.36
N GLN A 161 -9.56 4.38 8.86
CA GLN A 161 -9.14 4.74 7.54
C GLN A 161 -7.67 4.39 7.27
N TYR A 162 -6.81 4.84 8.16
CA TYR A 162 -5.38 4.59 8.12
C TYR A 162 -5.14 3.10 8.10
N PHE A 163 -5.85 2.37 8.97
CA PHE A 163 -5.70 0.94 8.98
C PHE A 163 -6.13 0.26 7.70
N LEU A 164 -7.32 0.58 7.21
CA LEU A 164 -7.88 -0.11 6.03
C LEU A 164 -7.01 0.16 4.80
N ASP A 165 -6.56 1.41 4.60
CA ASP A 165 -5.68 1.68 3.48
C ASP A 165 -4.49 0.73 3.52
N ARG A 166 -3.93 0.52 4.71
CA ARG A 166 -2.67 -0.26 4.83
C ARG A 166 -3.01 -1.72 4.62
N PHE A 167 -4.10 -2.15 5.28
CA PHE A 167 -4.52 -3.52 5.25
C PHE A 167 -4.92 -3.91 3.83
N TYR A 168 -5.68 -3.07 3.13
CA TYR A 168 -6.08 -3.45 1.77
C TYR A 168 -4.90 -3.36 0.78
N THR A 169 -3.99 -2.41 0.99
CA THR A 169 -2.76 -2.43 0.21
C THR A 169 -1.86 -3.68 0.42
N ASN A 170 -1.59 -4.05 1.65
CA ASN A 170 -0.83 -5.30 1.85
C ASN A 170 -1.55 -6.46 1.18
N ARG A 171 -2.87 -6.48 1.22
CA ARG A 171 -3.57 -7.60 0.63
C ARG A 171 -3.39 -7.55 -0.89
N ILE A 172 -3.44 -6.37 -1.53
CA ILE A 172 -3.11 -6.26 -2.94
C ILE A 172 -1.68 -6.83 -3.22
N SER A 173 -0.75 -6.51 -2.32
CA SER A 173 0.60 -6.97 -2.49
C SER A 173 0.70 -8.50 -2.37
N PHE A 174 0.02 -9.12 -1.37
CA PHE A 174 0.13 -10.60 -1.24
C PHE A 174 -0.29 -11.17 -2.56
N ARG A 175 -1.34 -10.60 -3.09
CA ARG A 175 -1.97 -11.23 -4.24
C ARG A 175 -1.08 -11.09 -5.46
N MET A 176 -0.38 -9.95 -5.56
CA MET A 176 0.59 -9.73 -6.63
C MET A 176 1.67 -10.84 -6.58
N LEU A 177 2.28 -11.06 -5.42
CA LEU A 177 3.33 -12.08 -5.28
C LEU A 177 2.83 -13.48 -5.61
N ILE A 178 1.70 -13.86 -5.01
CA ILE A 178 1.16 -15.19 -5.23
C ILE A 178 0.83 -15.43 -6.69
N ASN A 179 0.22 -14.44 -7.36
CA ASN A 179 -0.11 -14.59 -8.78
C ASN A 179 1.10 -14.73 -9.70
N GLN A 180 2.16 -13.98 -9.42
CA GLN A 180 3.37 -14.06 -10.21
C GLN A 180 3.92 -15.46 -10.11
N HIS A 181 3.90 -16.01 -8.90
CA HIS A 181 4.46 -17.34 -8.67
C HIS A 181 3.61 -18.47 -9.27
N THR A 182 2.28 -18.37 -9.15
CA THR A 182 1.46 -19.46 -9.65
C THR A 182 1.40 -19.37 -11.16
N LEU A 183 1.27 -18.17 -11.70
CA LEU A 183 1.26 -18.01 -13.15
C LEU A 183 2.60 -18.48 -13.74
N LEU A 184 3.71 -18.15 -13.08
CA LEU A 184 5.00 -18.56 -13.65
C LEU A 184 5.35 -20.05 -13.53
N PHE A 185 4.92 -20.70 -12.46
CA PHE A 185 5.39 -22.05 -12.19
C PHE A 185 4.31 -23.11 -12.14
N GLY A 186 3.06 -22.69 -11.98
CA GLY A 186 1.93 -23.60 -12.05
C GLY A 186 1.74 -24.13 -13.45
N THR A 189 -2.09 -24.87 -15.47
CA THR A 189 -1.62 -23.86 -16.43
C THR A 189 -2.51 -23.81 -17.69
N ASN A 190 -3.50 -22.91 -17.68
CA ASN A 190 -4.23 -22.54 -18.91
C ASN A 190 -3.57 -21.28 -19.47
N PRO A 191 -2.87 -21.39 -20.63
CA PRO A 191 -1.96 -20.29 -21.02
C PRO A 191 -2.67 -19.07 -21.67
N VAL A 192 -3.49 -18.36 -20.89
CA VAL A 192 -4.39 -17.27 -21.38
C VAL A 192 -3.64 -16.16 -22.15
N HIS A 193 -3.15 -15.15 -21.42
CA HIS A 193 -2.40 -14.07 -22.04
C HIS A 193 -0.93 -14.53 -22.19
N PRO A 194 -0.46 -14.75 -23.44
CA PRO A 194 0.75 -15.54 -23.66
C PRO A 194 2.06 -14.73 -23.68
N LYS A 195 2.03 -13.52 -24.23
CA LYS A 195 3.20 -12.65 -24.18
C LYS A 195 3.31 -11.91 -22.83
N HIS A 196 2.28 -12.03 -22.00
CA HIS A 196 2.29 -11.55 -20.60
C HIS A 196 3.36 -12.28 -19.79
N ILE A 197 3.92 -11.60 -18.79
CA ILE A 197 4.87 -12.21 -17.87
C ILE A 197 4.23 -12.31 -16.49
N GLY A 198 3.61 -13.46 -16.21
CA GLY A 198 2.77 -13.58 -15.05
C GLY A 198 1.57 -12.70 -15.30
N SER A 199 1.35 -11.70 -14.45
CA SER A 199 0.18 -10.85 -14.65
C SER A 199 0.57 -9.48 -15.20
N ILE A 200 1.83 -9.34 -15.60
CA ILE A 200 2.33 -8.10 -16.14
C ILE A 200 2.35 -8.16 -17.65
N ASP A 201 1.77 -7.13 -18.27
CA ASP A 201 1.84 -6.97 -19.70
C ASP A 201 2.97 -5.98 -20.03
N PRO A 202 4.03 -6.45 -20.72
CA PRO A 202 5.10 -5.52 -21.09
C PRO A 202 4.68 -4.47 -22.13
N THR A 203 3.59 -4.71 -22.83
CA THR A 203 3.14 -3.74 -23.82
C THR A 203 1.68 -3.45 -23.60
N CYS A 204 1.35 -2.96 -22.42
CA CYS A 204 -0.06 -2.67 -22.11
C CYS A 204 -0.53 -1.45 -22.87
N ASN A 205 -1.46 -1.68 -23.78
CA ASN A 205 -2.09 -0.61 -24.56
C ASN A 205 -3.19 0.04 -23.70
N VAL A 206 -2.89 1.23 -23.19
CA VAL A 206 -3.76 1.91 -22.21
C VAL A 206 -5.18 2.17 -22.73
N ALA A 207 -5.27 2.71 -23.93
CA ALA A 207 -6.56 2.98 -24.56
C ALA A 207 -7.36 1.68 -24.66
N ASP A 208 -6.72 0.55 -24.89
CA ASP A 208 -7.52 -0.68 -25.02
C ASP A 208 -8.14 -1.05 -23.68
N VAL A 209 -7.41 -0.81 -22.58
CA VAL A 209 -7.95 -1.12 -21.29
C VAL A 209 -9.03 -0.08 -20.97
N VAL A 210 -8.76 1.18 -21.33
CA VAL A 210 -9.79 2.18 -21.17
C VAL A 210 -11.14 1.76 -21.84
N LYS A 211 -11.08 1.33 -23.11
CA LYS A 211 -12.30 0.98 -23.84
C LYS A 211 -12.99 -0.25 -23.19
N ASP A 212 -12.22 -1.27 -22.84
CA ASP A 212 -12.76 -2.45 -22.13
C ASP A 212 -13.44 -2.11 -20.81
N ALA A 213 -12.79 -1.28 -19.99
CA ALA A 213 -13.35 -0.88 -18.71
C ALA A 213 -14.62 -0.12 -18.95
N TYR A 214 -14.59 0.76 -19.95
CA TYR A 214 -15.78 1.50 -20.28
C TYR A 214 -16.92 0.62 -20.75
N GLU A 215 -16.66 -0.31 -21.68
CA GLU A 215 -17.74 -1.13 -22.15
C GLU A 215 -18.39 -1.87 -21.00
N THR A 216 -17.58 -2.35 -20.06
CA THR A 216 -18.07 -3.14 -18.95
C THR A 216 -18.96 -2.31 -18.02
N ALA A 217 -18.56 -1.09 -17.73
CA ALA A 217 -19.39 -0.26 -16.92
C ALA A 217 -20.68 0.14 -17.70
N LYS A 218 -20.52 0.38 -19.02
CA LYS A 218 -21.65 0.76 -19.90
C LYS A 218 -22.78 -0.25 -19.85
N MET A 219 -22.41 -1.53 -19.92
CA MET A 219 -23.38 -2.59 -19.87
C MET A 219 -24.18 -2.55 -18.57
N LEU A 220 -23.50 -2.29 -17.45
CA LEU A 220 -24.15 -2.29 -16.14
C LEU A 220 -25.07 -1.07 -16.00
N CYS A 221 -24.56 0.09 -16.42
CA CYS A 221 -25.34 1.34 -16.51
C CYS A 221 -26.59 1.21 -17.40
N GLU A 222 -26.39 0.74 -18.64
CA GLU A 222 -27.54 0.50 -19.54
C GLU A 222 -28.56 -0.44 -18.90
N GLN A 223 -28.09 -1.49 -18.21
CA GLN A 223 -29.02 -2.47 -17.64
C GLN A 223 -29.99 -1.81 -16.68
N TYR A 224 -29.52 -0.84 -15.88
CA TYR A 224 -30.40 -0.34 -14.84
C TYR A 224 -31.09 0.96 -15.28
N TYR A 225 -30.31 1.81 -15.93
CA TYR A 225 -30.78 3.15 -16.29
C TYR A 225 -31.41 3.22 -17.68
N LEU A 226 -31.29 2.13 -18.46
CA LEU A 226 -31.86 2.05 -19.81
C LEU A 226 -31.16 3.00 -20.82
N VAL A 227 -29.95 3.45 -20.47
CA VAL A 227 -29.19 4.41 -21.27
C VAL A 227 -27.86 4.63 -20.58
N ALA A 228 -26.91 5.23 -21.30
CA ALA A 228 -25.51 5.35 -20.87
C ALA A 228 -24.82 6.37 -21.76
N PRO A 229 -23.89 7.16 -21.22
CA PRO A 229 -23.22 8.12 -22.10
C PRO A 229 -22.22 7.42 -22.99
N GLU A 230 -21.91 8.03 -24.14
CA GLU A 230 -20.79 7.57 -24.97
C GLU A 230 -19.44 7.98 -24.34
N LEU A 231 -18.41 7.20 -24.66
CA LEU A 231 -17.03 7.49 -24.38
C LEU A 231 -16.38 8.18 -25.58
N GLU A 232 -15.50 9.15 -25.28
CA GLU A 232 -14.58 9.80 -26.25
C GLU A 232 -13.18 9.71 -25.65
N VAL A 233 -12.20 9.28 -26.44
CA VAL A 233 -10.83 9.07 -26.00
C VAL A 233 -9.87 9.89 -26.87
N GLU A 234 -8.97 10.65 -26.22
CA GLU A 234 -7.85 11.29 -26.89
C GLU A 234 -6.54 10.84 -26.21
N GLU A 235 -5.47 10.80 -26.99
CA GLU A 235 -4.17 10.49 -26.51
C GLU A 235 -3.22 11.64 -26.85
N PHE A 236 -2.24 11.85 -25.98
CA PHE A 236 -1.10 12.65 -26.37
C PHE A 236 0.12 12.02 -25.80
N ASN A 237 0.89 11.39 -26.68
CA ASN A 237 2.17 10.77 -26.35
C ASN A 237 3.37 11.71 -26.58
N ALA A 238 3.76 12.48 -25.57
CA ALA A 238 4.85 13.48 -25.73
C ALA A 238 6.24 12.96 -26.17
N LYS A 239 6.61 11.72 -25.84
CA LYS A 239 7.88 11.19 -26.42
C LYS A 239 7.71 11.06 -27.93
N ALA A 240 6.71 10.26 -28.33
CA ALA A 240 6.50 9.85 -29.71
C ALA A 240 5.07 10.22 -30.14
N PRO A 241 4.86 11.48 -30.55
CA PRO A 241 3.52 12.10 -30.70
C PRO A 241 2.40 11.33 -31.39
N ASP A 242 2.69 10.36 -32.24
CA ASP A 242 1.55 9.66 -32.83
C ASP A 242 1.42 8.16 -32.53
N LYS A 243 2.37 7.63 -31.75
CA LYS A 243 2.37 6.22 -31.42
C LYS A 243 1.36 5.91 -30.30
N PRO A 244 0.62 4.78 -30.42
CA PRO A 244 -0.23 4.31 -29.32
C PRO A 244 0.50 4.35 -27.99
N ILE A 245 -0.17 4.83 -26.93
CA ILE A 245 0.46 4.94 -25.63
C ILE A 245 0.49 3.58 -25.00
N GLN A 246 1.68 3.11 -24.66
CA GLN A 246 1.89 1.79 -24.05
C GLN A 246 2.73 1.92 -22.80
N VAL A 247 2.49 1.06 -21.81
CA VAL A 247 3.21 1.10 -20.53
C VAL A 247 3.35 -0.35 -20.09
N VAL A 248 4.34 -0.62 -19.25
CA VAL A 248 4.50 -1.94 -18.61
C VAL A 248 3.63 -1.94 -17.35
N TYR A 249 2.66 -2.85 -17.22
CA TYR A 249 1.73 -2.78 -16.08
C TYR A 249 0.90 -4.03 -15.83
N VAL A 250 0.11 -3.99 -14.74
CA VAL A 250 -0.80 -5.13 -14.49
C VAL A 250 -2.13 -4.69 -15.07
N PRO A 251 -2.54 -5.28 -16.20
CA PRO A 251 -3.74 -4.74 -16.84
C PRO A 251 -4.95 -4.78 -15.93
N SER A 252 -5.07 -5.81 -15.10
CA SER A 252 -6.26 -5.96 -14.27
C SER A 252 -6.39 -4.90 -13.17
N HIS A 253 -5.26 -4.33 -12.76
CA HIS A 253 -5.26 -3.20 -11.80
C HIS A 253 -5.74 -1.93 -12.50
N LEU A 254 -5.21 -1.69 -13.70
CA LEU A 254 -5.62 -0.53 -14.45
C LEU A 254 -7.15 -0.63 -14.74
N PHE A 255 -7.56 -1.80 -15.20
CA PHE A 255 -8.94 -2.06 -15.48
C PHE A 255 -9.80 -1.74 -14.27
N HIS A 256 -9.45 -2.33 -13.11
CA HIS A 256 -10.20 -2.12 -11.86
C HIS A 256 -10.39 -0.62 -11.61
N MET A 257 -9.31 0.13 -11.70
CA MET A 257 -9.39 1.52 -11.43
C MET A 257 -10.35 2.22 -12.44
N LEU A 258 -10.18 1.92 -13.74
CA LEU A 258 -10.94 2.62 -14.78
C LEU A 258 -12.44 2.28 -14.63
N PHE A 259 -12.72 1.01 -14.32
CA PHE A 259 -14.04 0.56 -14.18
C PHE A 259 -14.81 1.38 -13.15
N GLU A 260 -14.21 1.59 -11.97
CA GLU A 260 -14.88 2.39 -10.93
C GLU A 260 -15.18 3.86 -11.29
N LEU A 261 -14.19 4.52 -11.87
CA LEU A 261 -14.33 5.91 -12.24
C LEU A 261 -15.41 6.04 -13.33
N PHE A 262 -15.43 5.10 -14.29
CA PHE A 262 -16.37 5.16 -15.36
C PHE A 262 -17.78 4.90 -14.82
N LYS A 263 -17.93 3.85 -14.00
CA LYS A 263 -19.20 3.63 -13.37
C LYS A 263 -19.73 4.92 -12.65
N ASN A 264 -18.86 5.66 -11.95
CA ASN A 264 -19.29 6.84 -11.22
C ASN A 264 -19.64 7.96 -12.17
N SER A 265 -18.82 8.12 -13.21
CA SER A 265 -19.11 9.14 -14.22
C SER A 265 -20.46 8.92 -14.94
N MET A 266 -20.73 7.67 -15.30
CA MET A 266 -21.94 7.37 -16.05
C MET A 266 -23.16 7.60 -15.18
N ARG A 267 -23.09 7.09 -13.96
CA ARG A 267 -24.15 7.26 -13.01
C ARG A 267 -24.40 8.73 -12.73
N ALA A 268 -23.33 9.51 -12.61
CA ALA A 268 -23.50 10.94 -12.43
C ALA A 268 -24.20 11.64 -13.63
N THR A 269 -23.76 11.31 -14.83
CA THR A 269 -24.24 11.92 -16.05
C THR A 269 -25.75 11.55 -16.26
N VAL A 270 -26.02 10.26 -16.21
CA VAL A 270 -27.32 9.77 -16.39
C VAL A 270 -28.32 10.31 -15.36
N GLU A 271 -27.89 10.45 -14.09
CA GLU A 271 -28.83 10.97 -13.07
C GLU A 271 -29.14 12.45 -13.25
N LEU A 272 -28.15 13.22 -13.70
CA LEU A 272 -28.31 14.66 -13.92
C LEU A 272 -29.14 14.98 -15.15
N TYR A 273 -29.03 14.17 -16.21
CA TYR A 273 -29.78 14.41 -17.47
C TYR A 273 -31.00 13.59 -17.72
N GLU A 274 -31.46 12.83 -16.75
CA GLU A 274 -32.62 12.03 -17.07
C GLU A 274 -33.86 12.93 -17.14
N ASP A 275 -33.85 14.05 -16.41
CA ASP A 275 -35.00 14.98 -16.40
C ASP A 275 -34.80 16.22 -17.26
N ARG A 276 -33.83 16.12 -18.17
CA ARG A 276 -33.48 17.20 -19.08
C ARG A 276 -33.86 16.85 -20.52
N LYS A 277 -33.50 17.78 -21.42
CA LYS A 277 -33.93 17.85 -22.80
C LYS A 277 -32.74 17.85 -23.79
N GLU A 278 -31.55 18.15 -23.29
CA GLU A 278 -30.37 18.26 -24.14
C GLU A 278 -29.64 16.92 -24.46
N GLY A 279 -29.94 15.86 -23.73
CA GLY A 279 -29.35 14.58 -24.13
C GLY A 279 -28.04 14.52 -23.40
N TYR A 280 -27.33 13.44 -23.55
CA TYR A 280 -26.31 13.11 -22.59
C TYR A 280 -24.91 13.47 -22.98
N PRO A 281 -24.21 14.26 -22.16
CA PRO A 281 -22.82 14.55 -22.58
C PRO A 281 -21.96 13.28 -22.52
N ALA A 282 -21.01 13.19 -23.42
CA ALA A 282 -20.09 12.09 -23.42
C ALA A 282 -19.28 12.11 -22.10
N VAL A 283 -18.65 10.99 -21.82
CA VAL A 283 -17.67 10.94 -20.77
C VAL A 283 -16.34 10.93 -21.53
N LYS A 284 -15.47 11.90 -21.21
CA LYS A 284 -14.20 12.08 -21.94
C LYS A 284 -12.95 11.56 -21.23
N THR A 285 -12.04 10.94 -21.98
CA THR A 285 -10.80 10.45 -21.45
C THR A 285 -9.62 11.00 -22.26
N LEU A 286 -8.69 11.64 -21.54
CA LEU A 286 -7.40 12.07 -22.07
C LEU A 286 -6.30 11.17 -21.47
N VAL A 287 -5.57 10.46 -22.31
CA VAL A 287 -4.43 9.66 -21.86
C VAL A 287 -3.16 10.37 -22.36
N THR A 288 -2.27 10.76 -21.45
CA THR A 288 -1.02 11.46 -21.81
C THR A 288 0.22 10.68 -21.32
N LEU A 289 1.34 10.81 -22.02
CA LEU A 289 2.58 10.16 -21.56
C LEU A 289 3.74 11.16 -21.63
N GLY A 290 4.39 11.42 -20.48
CA GLY A 290 5.53 12.38 -20.42
C GLY A 290 6.81 11.65 -20.06
N LYS A 291 7.85 12.39 -19.63
CA LYS A 291 9.07 11.70 -19.22
C LYS A 291 8.82 10.78 -18.01
N GLU A 292 8.00 11.20 -17.04
CA GLU A 292 7.78 10.41 -15.78
C GLU A 292 6.39 9.80 -15.64
N ASP A 293 5.37 10.51 -16.13
CA ASP A 293 3.97 10.18 -15.85
C ASP A 293 3.17 9.68 -17.05
N LEU A 294 2.40 8.63 -16.80
CA LEU A 294 1.28 8.26 -17.64
C LEU A 294 0.07 8.76 -16.91
N SER A 295 -0.64 9.74 -17.44
CA SER A 295 -1.79 10.31 -16.72
C SER A 295 -3.05 9.97 -17.50
N ILE A 296 -4.13 9.69 -16.79
CA ILE A 296 -5.39 9.34 -17.43
C ILE A 296 -6.48 10.17 -16.76
N LYS A 297 -7.05 11.12 -17.50
CA LYS A 297 -8.02 12.02 -16.89
C LYS A 297 -9.42 11.69 -17.47
N ILE A 298 -10.33 11.33 -16.55
CA ILE A 298 -11.72 11.10 -16.91
C ILE A 298 -12.58 12.33 -16.55
N SER A 299 -13.23 12.91 -17.54
CA SER A 299 -14.07 14.08 -17.26
C SER A 299 -15.51 13.81 -17.53
N ASP A 300 -16.36 14.27 -16.63
CA ASP A 300 -17.80 14.15 -16.82
C ASP A 300 -18.50 15.44 -16.54
N LEU A 301 -19.73 15.58 -17.02
CA LEU A 301 -20.53 16.75 -16.67
C LEU A 301 -21.72 16.36 -15.78
N GLY A 302 -21.45 15.54 -14.78
CA GLY A 302 -22.46 14.92 -14.02
C GLY A 302 -22.90 15.76 -12.87
N GLY A 303 -22.55 17.03 -12.88
CA GLY A 303 -22.98 17.94 -11.82
C GLY A 303 -22.00 18.20 -10.68
N GLY A 304 -21.02 17.32 -10.52
CA GLY A 304 -19.92 17.54 -9.51
C GLY A 304 -20.31 17.32 -8.04
N VAL A 305 -19.38 17.66 -7.14
CA VAL A 305 -19.51 17.48 -5.72
C VAL A 305 -18.91 18.66 -5.00
N PRO A 306 -19.58 19.15 -3.95
CA PRO A 306 -19.00 20.26 -3.18
C PRO A 306 -17.64 19.91 -2.56
N LEU A 307 -16.72 20.86 -2.50
CA LEU A 307 -15.35 20.59 -1.99
C LEU A 307 -15.33 19.97 -0.56
N ARG A 308 -16.17 20.50 0.34
CA ARG A 308 -16.39 19.96 1.72
C ARG A 308 -16.53 18.42 1.74
N LYS A 309 -17.15 17.80 0.74
CA LYS A 309 -17.42 16.40 0.75
C LYS A 309 -16.33 15.57 0.08
N ILE A 310 -15.34 16.18 -0.55
CA ILE A 310 -14.39 15.39 -1.32
C ILE A 310 -13.61 14.38 -0.47
N ASP A 311 -12.94 14.85 0.58
CA ASP A 311 -12.13 13.96 1.42
C ASP A 311 -12.94 12.78 1.92
N ARG A 312 -14.17 13.02 2.38
CA ARG A 312 -14.96 11.94 2.89
C ARG A 312 -15.26 10.82 1.85
N LEU A 313 -15.15 11.11 0.57
CA LEU A 313 -15.42 10.07 -0.42
C LEU A 313 -14.42 8.96 -0.40
N PHE A 314 -13.29 9.20 0.27
CA PHE A 314 -12.17 8.26 0.36
C PHE A 314 -12.21 7.53 1.71
N ASN A 315 -13.16 7.92 2.53
CA ASN A 315 -13.27 7.46 3.89
C ASN A 315 -14.26 6.30 4.02
N TYR A 316 -13.75 5.08 4.15
CA TYR A 316 -14.54 3.88 4.17
C TYR A 316 -15.83 3.93 5.00
N MET A 317 -15.83 4.64 6.12
CA MET A 317 -17.02 4.52 6.96
C MET A 317 -18.09 5.63 6.87
N TYR A 318 -17.88 6.59 5.98
CA TYR A 318 -18.97 7.35 5.41
C TYR A 318 -19.60 6.46 4.33
N SER A 319 -18.78 5.61 3.72
CA SER A 319 -19.28 4.67 2.70
C SER A 319 -19.76 3.31 3.25
N GLY A 338 -18.57 1.89 -3.94
CA GLY A 338 -18.76 2.02 -2.45
C GLY A 338 -17.41 2.27 -1.79
N TYR A 339 -16.73 1.18 -1.40
CA TYR A 339 -15.28 1.20 -1.15
C TYR A 339 -14.54 1.41 -2.48
N GLY A 340 -15.29 1.47 -3.59
CA GLY A 340 -14.69 1.42 -4.92
C GLY A 340 -13.64 2.48 -5.19
N LEU A 341 -13.88 3.68 -4.69
CA LEU A 341 -12.99 4.78 -5.03
C LEU A 341 -11.72 4.76 -4.12
N PRO A 342 -11.87 4.60 -2.80
CA PRO A 342 -10.64 4.49 -2.02
C PRO A 342 -9.76 3.32 -2.45
N ILE A 343 -10.37 2.17 -2.73
CA ILE A 343 -9.64 1.01 -3.19
C ILE A 343 -8.95 1.22 -4.51
N SER A 344 -9.57 1.96 -5.40
CA SER A 344 -8.97 2.26 -6.69
C SER A 344 -7.76 3.13 -6.47
N ARG A 345 -7.87 4.03 -5.51
CA ARG A 345 -6.73 4.87 -5.26
C ARG A 345 -5.61 3.99 -4.63
N LEU A 346 -5.97 2.92 -3.89
CA LEU A 346 -4.92 2.11 -3.34
C LEU A 346 -4.18 1.42 -4.46
N TYR A 347 -4.90 0.96 -5.50
CA TYR A 347 -4.23 0.29 -6.61
C TYR A 347 -3.26 1.27 -7.28
N ALA A 348 -3.67 2.52 -7.39
CA ALA A 348 -2.80 3.48 -7.97
C ALA A 348 -1.54 3.78 -7.08
N ARG A 349 -1.70 3.95 -5.75
CA ARG A 349 -0.57 4.56 -4.93
C ARG A 349 0.38 3.38 -4.85
N TYR A 350 -0.16 2.24 -5.21
CA TYR A 350 0.56 0.98 -4.94
C TYR A 350 1.86 0.73 -5.81
N PHE A 351 1.92 1.17 -7.09
CA PHE A 351 3.17 1.14 -7.80
C PHE A 351 3.70 2.56 -7.97
N GLN A 352 3.59 3.36 -6.92
CA GLN A 352 4.05 4.74 -6.92
C GLN A 352 3.20 5.74 -7.74
N GLY A 353 1.98 5.36 -8.14
CA GLY A 353 1.10 6.29 -8.78
C GLY A 353 0.22 6.98 -7.77
N ASP A 354 -0.86 7.60 -8.26
CA ASP A 354 -1.84 8.21 -7.36
C ASP A 354 -3.18 8.27 -8.09
N LEU A 355 -4.25 8.62 -7.37
CA LEU A 355 -5.57 8.78 -8.00
C LEU A 355 -6.15 9.99 -7.33
N LYS A 356 -6.46 11.03 -8.11
CA LYS A 356 -6.86 12.32 -7.59
C LYS A 356 -8.18 12.79 -8.20
N LEU A 357 -8.96 13.52 -7.38
CA LEU A 357 -10.31 13.94 -7.80
C LEU A 357 -10.46 15.41 -7.61
N TYR A 358 -11.03 16.06 -8.63
N TYR A 358 -11.02 16.09 -8.60
CA TYR A 358 -11.28 17.52 -8.60
CA TYR A 358 -11.40 17.48 -8.32
C TYR A 358 -12.67 17.75 -9.17
C TYR A 358 -12.59 17.84 -9.17
N SER A 359 -13.43 18.68 -8.59
CA SER A 359 -14.73 18.86 -9.13
C SER A 359 -15.05 20.33 -9.20
N MET A 360 -16.01 20.67 -10.06
CA MET A 360 -16.64 21.98 -10.01
C MET A 360 -18.10 21.76 -9.72
N GLU A 361 -18.49 22.08 -8.50
CA GLU A 361 -19.85 21.85 -8.09
C GLU A 361 -20.78 22.66 -9.00
N GLY A 362 -21.70 21.95 -9.64
CA GLY A 362 -22.70 22.54 -10.53
C GLY A 362 -22.47 22.14 -11.98
N VAL A 363 -21.30 21.57 -12.27
CA VAL A 363 -20.98 21.23 -13.64
C VAL A 363 -20.53 19.81 -13.73
N GLY A 364 -19.46 19.46 -13.02
CA GLY A 364 -18.89 18.12 -13.22
C GLY A 364 -17.59 17.83 -12.45
N THR A 365 -16.97 16.74 -12.81
CA THR A 365 -15.88 16.20 -12.08
C THR A 365 -14.76 15.60 -12.99
N ASP A 366 -13.49 15.87 -12.63
CA ASP A 366 -12.33 15.20 -13.21
C ASP A 366 -11.72 14.19 -12.25
N ALA A 367 -11.36 13.03 -12.75
CA ALA A 367 -10.67 12.06 -11.92
C ALA A 367 -9.39 11.68 -12.70
N VAL A 368 -8.25 11.69 -12.02
CA VAL A 368 -7.04 11.46 -12.76
C VAL A 368 -6.25 10.37 -12.09
N ILE A 369 -5.98 9.31 -12.85
CA ILE A 369 -5.01 8.28 -12.49
C ILE A 369 -3.62 8.64 -12.96
N TYR A 370 -2.66 8.60 -12.03
CA TYR A 370 -1.25 8.84 -12.39
C TYR A 370 -0.53 7.54 -12.22
N LEU A 371 0.13 7.03 -13.27
CA LEU A 371 1.00 5.86 -13.11
C LEU A 371 2.40 6.32 -13.43
N LYS A 372 3.41 5.55 -13.03
CA LYS A 372 4.76 5.83 -13.48
C LYS A 372 4.99 5.37 -14.90
N ALA A 373 5.63 6.20 -15.70
CA ALA A 373 5.90 5.80 -17.10
C ALA A 373 6.94 4.70 -17.17
N LEU A 374 7.86 4.69 -16.20
CA LEU A 374 9.02 3.79 -16.21
C LEU A 374 8.87 2.63 -15.24
N SER A 375 9.06 1.42 -15.73
CA SER A 375 8.98 0.28 -14.84
C SER A 375 10.09 0.33 -13.78
N SER A 376 11.23 0.92 -14.10
CA SER A 376 12.31 0.96 -13.14
C SER A 376 11.91 1.79 -11.92
N GLU A 377 10.93 2.66 -12.08
CA GLU A 377 10.50 3.58 -11.01
C GLU A 377 9.24 3.08 -10.29
N SER A 378 8.68 1.97 -10.72
CA SER A 378 7.40 1.52 -10.19
C SER A 378 7.58 0.50 -9.08
N PHE A 379 7.99 0.95 -7.92
CA PHE A 379 8.18 0.07 -6.77
C PHE A 379 6.88 -0.06 -5.98
N GLU A 380 6.62 -1.28 -5.53
CA GLU A 380 5.64 -1.53 -4.47
C GLU A 380 5.81 -0.52 -3.36
N ARG A 381 4.68 -0.01 -2.90
CA ARG A 381 4.65 0.87 -1.75
C ARG A 381 3.89 0.08 -0.68
N LEU A 382 4.57 -0.35 0.39
CA LEU A 382 4.00 -1.33 1.33
C LEU A 382 3.91 -0.76 2.74
N PRO A 383 2.88 -1.19 3.53
CA PRO A 383 2.87 -0.59 4.83
C PRO A 383 3.83 -1.38 5.74
N VAL A 384 4.57 -0.63 6.56
CA VAL A 384 5.63 -1.21 7.37
C VAL A 384 5.20 -1.05 8.82
N PHE A 385 5.03 -2.14 9.55
CA PHE A 385 4.71 -1.98 10.98
C PHE A 385 6.00 -1.53 11.75
N ASN A 386 5.88 -0.51 12.60
CA ASN A 386 7.03 -0.01 13.37
C ASN A 386 6.51 0.96 14.35
N LYS A 387 7.40 1.65 15.05
CA LYS A 387 6.92 2.66 15.99
C LYS A 387 6.08 3.75 15.36
N SER A 388 6.41 4.20 14.14
CA SER A 388 5.59 5.26 13.50
C SER A 388 4.18 4.77 13.26
N ALA A 389 4.03 3.56 12.73
CA ALA A 389 2.73 2.94 12.61
C ALA A 389 2.02 2.84 13.96
N TRP A 390 2.76 2.41 14.98
CA TRP A 390 2.19 2.18 16.29
C TRP A 390 1.59 3.46 16.83
N ARG A 391 2.33 4.55 16.68
CA ARG A 391 1.81 5.82 17.15
C ARG A 391 0.48 6.25 16.50
N HIS A 392 0.27 5.94 15.23
CA HIS A 392 -1.01 6.25 14.61
C HIS A 392 -2.17 5.60 15.34
N TYR A 393 -1.99 4.37 15.81
CA TYR A 393 -3.04 3.68 16.55
C TYR A 393 -3.19 4.20 17.98
N LYS A 394 -2.14 4.77 18.54
CA LYS A 394 -2.17 5.15 19.95
C LYS A 394 -2.40 6.63 20.11
N THR A 395 -2.66 7.33 19.01
CA THR A 395 -2.99 8.75 19.04
C THR A 395 -4.36 8.97 19.66
N THR A 396 -4.36 9.80 20.72
CA THR A 396 -5.56 10.28 21.41
C THR A 396 -5.91 11.65 20.80
N PRO A 397 -7.19 12.11 20.89
CA PRO A 397 -7.38 13.35 20.10
C PRO A 397 -6.70 14.58 20.68
N GLU A 398 -6.47 15.54 19.79
CA GLU A 398 -5.65 16.72 20.07
C GLU A 398 -6.43 17.95 19.75
N ALA A 399 -5.98 19.08 20.31
CA ALA A 399 -6.61 20.36 20.06
C ALA A 399 -6.35 20.69 18.60
N ASP A 400 -7.30 21.34 17.96
CA ASP A 400 -7.02 21.85 16.67
C ASP A 400 -5.96 23.01 16.71
N ASP A 401 -4.85 22.71 16.10
CA ASP A 401 -3.94 23.55 15.31
C ASP A 401 -4.46 24.89 14.74
N TRP A 402 -5.71 24.92 14.27
CA TRP A 402 -6.19 26.07 13.49
C TRP A 402 -7.51 26.44 14.13
N SER A 403 -7.97 27.67 13.95
CA SER A 403 -9.13 28.07 14.67
C SER A 403 -10.40 27.32 14.20
N ASN A 404 -11.45 27.38 15.02
CA ASN A 404 -12.81 26.96 14.66
C ASN A 404 -13.82 28.00 15.14
N PRO A 405 -14.81 28.34 14.30
CA PRO A 405 -15.74 29.34 14.84
C PRO A 405 -16.77 28.71 15.78
N SER A 406 -17.54 29.58 16.41
CA SER A 406 -18.69 29.17 17.21
C SER A 406 -19.77 28.60 16.27
N SER A 407 -20.57 27.63 16.74
CA SER A 407 -21.73 27.19 15.97
C SER A 407 -22.83 28.25 15.94
N GLU A 408 -22.74 29.22 16.85
CA GLU A 408 -23.67 30.33 16.93
C GLU A 408 -22.88 31.63 17.05
N PRO A 409 -22.23 32.08 15.95
CA PRO A 409 -21.40 33.30 16.06
C PRO A 409 -22.20 34.54 16.47
N ARG A 410 -21.59 35.43 17.26
CA ARG A 410 -22.22 36.68 17.67
C ARG A 410 -22.77 37.50 16.50
N ASP A 411 -24.01 37.99 16.63
CA ASP A 411 -24.64 38.81 15.58
C ASP A 411 -24.05 40.22 15.55
N ALA A 412 -23.25 40.50 14.53
CA ALA A 412 -22.51 41.76 14.43
C ALA A 412 -23.34 43.00 13.97
N SER A 413 -24.63 42.80 13.66
CA SER A 413 -25.57 43.91 13.31
C SER A 413 -26.03 44.64 14.57
N LYS A 414 -26.22 43.90 15.66
CA LYS A 414 -26.77 44.41 16.94
C LYS A 414 -25.72 44.71 18.04
N SER B 23 35.72 1.28 35.78
CA SER B 23 35.94 0.98 34.31
C SER B 23 35.32 2.12 33.51
N TYR B 24 34.30 1.79 32.68
CA TYR B 24 33.45 2.84 32.10
C TYR B 24 32.12 2.79 32.88
N PRO B 25 31.37 3.96 32.90
CA PRO B 25 29.95 3.87 33.39
C PRO B 25 29.04 2.93 32.54
N PRO B 26 27.99 2.34 33.16
CA PRO B 26 27.09 1.39 32.50
C PRO B 26 26.65 1.85 31.11
N HIS B 27 26.91 0.99 30.13
CA HIS B 27 26.62 1.28 28.76
C HIS B 27 26.06 0.03 28.03
N MET B 28 25.49 0.27 26.84
CA MET B 28 24.87 -0.75 26.00
C MET B 28 25.44 -0.54 24.57
N GLN B 29 25.79 -1.62 23.89
CA GLN B 29 26.18 -1.55 22.49
C GLN B 29 24.97 -1.84 21.61
N VAL B 30 24.73 -1.03 20.58
CA VAL B 30 23.68 -1.35 19.67
C VAL B 30 24.24 -2.14 18.49
N LEU B 31 23.85 -3.40 18.37
CA LEU B 31 24.36 -4.22 17.28
C LEU B 31 23.46 -4.16 16.07
N LEU B 32 24.05 -4.34 14.91
CA LEU B 32 23.23 -4.32 13.70
C LEU B 32 22.37 -5.59 13.62
N PRO B 33 21.02 -5.50 13.77
CA PRO B 33 20.25 -6.74 13.63
C PRO B 33 20.07 -7.13 12.15
N ALA B 34 19.61 -8.36 11.90
CA ALA B 34 19.05 -8.66 10.58
C ALA B 34 17.70 -7.94 10.50
N LEU B 35 17.62 -6.93 9.66
CA LEU B 35 16.41 -6.09 9.66
C LEU B 35 15.32 -6.63 8.74
N SER B 36 15.65 -7.66 7.98
CA SER B 36 14.69 -8.38 7.20
C SER B 36 15.20 -9.82 7.11
N PRO B 37 14.32 -10.77 6.72
CA PRO B 37 14.78 -12.18 6.91
C PRO B 37 16.11 -12.62 6.18
N THR B 38 16.50 -11.93 5.12
CA THR B 38 17.63 -12.41 4.29
C THR B 38 18.80 -11.46 4.42
N MET B 39 18.62 -10.36 5.14
CA MET B 39 19.71 -9.44 5.34
C MET B 39 20.93 -10.08 6.01
N THR B 40 22.11 -9.90 5.42
CA THR B 40 23.36 -10.32 6.06
C THR B 40 24.34 -9.16 6.32
N MET B 41 24.08 -8.01 5.73
CA MET B 41 24.89 -6.82 5.90
C MET B 41 24.04 -5.61 5.51
N GLY B 42 24.45 -4.44 5.99
CA GLY B 42 23.75 -3.19 5.66
C GLY B 42 24.68 -2.00 5.56
N THR B 43 24.26 -0.99 4.81
CA THR B 43 25.01 0.27 4.73
C THR B 43 24.42 1.27 5.71
N VAL B 44 25.26 1.92 6.51
CA VAL B 44 24.77 2.93 7.44
C VAL B 44 24.64 4.22 6.65
N GLN B 45 23.44 4.49 6.14
CA GLN B 45 23.31 5.54 5.16
C GLN B 45 23.35 6.88 5.84
N ARG B 46 22.76 6.96 7.02
CA ARG B 46 22.60 8.23 7.70
C ARG B 46 22.22 8.02 9.15
N TRP B 47 22.93 8.71 10.04
CA TRP B 47 22.56 8.76 11.45
C TRP B 47 21.48 9.79 11.60
N GLU B 48 20.47 9.50 12.43
CA GLU B 48 19.41 10.47 12.67
C GLU B 48 19.47 10.98 14.10
N LYS B 49 20.57 10.70 14.77
CA LYS B 49 20.77 11.15 16.12
C LYS B 49 22.20 11.60 16.23
N LYS B 50 22.44 12.59 17.07
CA LYS B 50 23.78 13.10 17.29
C LYS B 50 24.23 12.71 18.70
N VAL B 51 25.54 12.59 18.89
CA VAL B 51 26.10 12.30 20.18
C VAL B 51 25.59 13.37 21.16
N GLY B 52 25.12 12.93 22.32
CA GLY B 52 24.59 13.85 23.34
C GLY B 52 23.07 13.85 23.46
N GLU B 53 22.40 13.35 22.42
CA GLU B 53 20.94 13.44 22.33
C GLU B 53 20.23 12.36 23.14
N LYS B 54 19.07 12.72 23.67
CA LYS B 54 18.23 11.76 24.33
C LYS B 54 17.66 10.73 23.33
N LEU B 55 17.71 9.45 23.69
CA LEU B 55 17.03 8.42 22.90
C LEU B 55 15.80 7.94 23.64
N SER B 56 14.63 8.19 23.07
CA SER B 56 13.41 7.58 23.57
C SER B 56 13.13 6.31 22.79
N GLU B 57 12.51 5.33 23.42
CA GLU B 57 12.19 4.11 22.72
C GLU B 57 11.29 4.36 21.51
N GLY B 58 11.74 3.85 20.36
CA GLY B 58 11.04 4.05 19.10
C GLY B 58 11.48 5.25 18.25
N ASP B 59 12.37 6.13 18.75
CA ASP B 59 12.92 7.21 17.90
C ASP B 59 13.65 6.61 16.70
N LEU B 60 13.79 7.41 15.66
CA LEU B 60 14.54 6.99 14.49
C LEU B 60 16.04 7.17 14.81
N LEU B 61 16.82 6.14 14.61
CA LEU B 61 18.24 6.16 14.92
C LEU B 61 19.11 6.25 13.66
N ALA B 62 18.80 5.46 12.64
CA ALA B 62 19.57 5.49 11.38
C ALA B 62 18.79 4.93 10.18
N GLU B 63 19.03 5.47 8.98
CA GLU B 63 18.61 4.73 7.79
C GLU B 63 19.65 3.71 7.42
N ILE B 64 19.23 2.47 7.18
CA ILE B 64 20.15 1.38 6.84
C ILE B 64 19.75 0.86 5.46
N GLU B 65 20.69 0.83 4.51
CA GLU B 65 20.32 0.41 3.18
C GLU B 65 20.79 -0.98 2.83
N THR B 66 19.85 -1.85 2.46
CA THR B 66 20.27 -3.10 1.85
C THR B 66 20.04 -3.05 0.38
N ASP B 67 20.34 -4.18 -0.20
CA ASP B 67 20.02 -4.68 -1.51
C ASP B 67 18.49 -4.67 -1.78
N LYS B 68 17.71 -4.72 -0.70
CA LYS B 68 16.27 -4.92 -0.81
C LYS B 68 15.42 -3.74 -0.41
N ALA B 69 15.95 -2.87 0.45
CA ALA B 69 15.15 -1.76 0.99
C ALA B 69 16.05 -0.71 1.70
N THR B 70 15.47 0.46 1.92
CA THR B 70 16.06 1.44 2.78
C THR B 70 15.11 1.50 3.97
N ILE B 71 15.67 1.12 5.13
CA ILE B 71 14.95 0.85 6.38
C ILE B 71 15.27 1.88 7.47
N GLY B 72 14.22 2.36 8.12
CA GLY B 72 14.39 3.21 9.32
C GLY B 72 14.58 2.29 10.51
N PHE B 73 15.84 2.22 10.97
CA PHE B 73 16.22 1.48 12.14
C PHE B 73 15.85 2.33 13.33
N GLU B 74 15.00 1.77 14.20
CA GLU B 74 14.58 2.48 15.41
C GLU B 74 15.44 2.18 16.67
N VAL B 75 15.44 3.12 17.60
CA VAL B 75 16.04 2.94 18.93
C VAL B 75 15.17 1.96 19.69
N GLN B 76 15.80 0.93 20.26
CA GLN B 76 15.13 -0.09 21.05
C GLN B 76 15.18 0.11 22.56
N GLU B 77 16.09 0.94 23.05
CA GLU B 77 16.15 1.18 24.49
C GLU B 77 16.52 2.62 24.77
N GLU B 78 15.88 3.20 25.77
CA GLU B 78 16.06 4.60 26.05
C GLU B 78 17.34 4.94 26.77
N GLY B 79 17.78 6.18 26.58
CA GLY B 79 19.03 6.68 27.14
C GLY B 79 19.56 7.90 26.41
N TYR B 80 20.84 7.84 26.08
CA TYR B 80 21.60 8.96 25.51
C TYR B 80 22.66 8.39 24.57
N LEU B 81 22.81 9.01 23.41
CA LEU B 81 23.79 8.56 22.45
C LEU B 81 25.15 8.98 22.95
N ALA B 82 26.02 8.00 23.27
CA ALA B 82 27.33 8.31 23.84
C ALA B 82 28.44 8.38 22.80
N LYS B 83 28.46 7.42 21.87
CA LYS B 83 29.44 7.42 20.78
C LYS B 83 28.92 6.66 19.57
N ILE B 84 29.30 7.13 18.40
CA ILE B 84 29.03 6.44 17.16
C ILE B 84 30.25 5.64 16.72
N LEU B 85 30.10 4.32 16.75
CA LEU B 85 31.18 3.42 16.36
C LEU B 85 31.32 3.28 14.86
N VAL B 86 30.19 3.32 14.15
CA VAL B 86 30.24 3.17 12.69
C VAL B 86 29.84 4.48 11.98
N PRO B 87 30.81 5.14 11.34
CA PRO B 87 30.45 6.34 10.59
C PRO B 87 29.41 6.17 9.46
N GLU B 88 28.56 7.18 9.35
CA GLU B 88 27.72 7.44 8.19
C GLU B 88 28.45 7.16 6.91
N GLY B 89 27.80 6.41 6.02
CA GLY B 89 28.40 6.15 4.71
C GLY B 89 29.09 4.82 4.62
N THR B 90 29.32 4.16 5.77
CA THR B 90 30.03 2.87 5.80
C THR B 90 29.21 1.75 5.17
N ARG B 91 29.69 1.26 4.03
CA ARG B 91 29.03 0.19 3.29
C ARG B 91 29.25 -1.19 3.90
N ASP B 92 28.29 -2.07 3.64
CA ASP B 92 28.49 -3.51 3.83
C ASP B 92 28.86 -3.92 5.24
N VAL B 93 28.23 -3.27 6.22
CA VAL B 93 28.46 -3.58 7.63
C VAL B 93 27.83 -4.95 8.02
N PRO B 94 28.63 -5.89 8.54
CA PRO B 94 28.01 -7.20 8.89
C PRO B 94 27.07 -7.17 10.09
N LEU B 95 26.13 -8.11 10.11
CA LEU B 95 25.25 -8.35 11.28
C LEU B 95 26.08 -8.43 12.55
N GLY B 96 25.58 -7.89 13.65
CA GLY B 96 26.29 -8.02 14.92
C GLY B 96 27.35 -6.98 15.23
N THR B 97 27.78 -6.24 14.20
CA THR B 97 28.73 -5.14 14.37
C THR B 97 28.12 -4.09 15.28
N PRO B 98 28.81 -3.73 16.38
CA PRO B 98 28.35 -2.63 17.21
C PRO B 98 28.26 -1.37 16.37
N LEU B 99 27.18 -0.59 16.53
CA LEU B 99 27.01 0.58 15.70
C LEU B 99 27.26 1.84 16.50
N CYS B 100 26.86 1.80 17.77
CA CYS B 100 26.93 2.97 18.64
C CYS B 100 26.79 2.56 20.11
N ILE B 101 26.99 3.51 21.01
CA ILE B 101 27.00 3.25 22.44
C ILE B 101 25.97 4.14 23.10
N ILE B 102 25.14 3.51 23.93
CA ILE B 102 24.09 4.18 24.67
C ILE B 102 24.40 4.18 26.16
N VAL B 103 24.05 5.28 26.83
CA VAL B 103 24.28 5.38 28.26
C VAL B 103 23.00 5.84 28.97
N GLU B 104 22.82 5.44 30.22
CA GLU B 104 21.61 5.77 30.99
C GLU B 104 21.49 7.25 31.41
N LYS B 105 22.56 7.85 31.93
CA LYS B 105 22.56 9.29 32.31
C LYS B 105 23.37 10.12 31.31
N GLU B 106 23.08 11.42 31.19
CA GLU B 106 23.88 12.21 30.24
C GLU B 106 25.25 12.61 30.79
N ALA B 107 25.37 12.70 32.11
CA ALA B 107 26.66 12.88 32.78
C ALA B 107 27.68 11.82 32.33
N ASP B 108 27.17 10.67 31.86
CA ASP B 108 28.00 9.54 31.42
C ASP B 108 28.36 9.54 29.90
N ILE B 109 27.98 10.67 29.21
CA ILE B 109 28.31 10.72 27.77
C ILE B 109 29.79 10.99 27.50
N SER B 110 30.37 11.93 28.28
CA SER B 110 31.76 12.34 28.15
C SER B 110 32.68 11.15 28.41
N ALA B 111 32.29 10.18 29.26
CA ALA B 111 33.09 9.00 29.48
C ALA B 111 33.50 8.22 28.31
N PHE B 112 33.11 8.75 26.96
CA PHE B 112 33.26 7.82 25.82
C PHE B 112 33.86 8.50 24.60
N ALA B 113 34.04 9.82 24.68
CA ALA B 113 34.86 10.55 23.71
C ALA B 113 36.26 9.93 23.72
N ASP B 114 36.59 9.29 24.83
CA ASP B 114 37.88 8.62 25.11
C ASP B 114 38.22 7.35 24.31
N TYR B 115 37.22 6.63 23.81
CA TYR B 115 37.44 5.28 23.25
C TYR B 115 38.89 4.96 22.87
#